data_5CWQ
#
_entry.id   5CWQ
#
_cell.length_a   120.000
_cell.length_b   120.000
_cell.length_c   120.000
_cell.angle_alpha   90.000
_cell.angle_beta   90.000
_cell.angle_gamma   90.000
#
_symmetry.space_group_name_H-M   'I 2 3'
#
loop_
_entity.id
_entity.type
_entity.pdbx_description
1 polymer 'Designed helical repeat protein'
2 non-polymer GLYCEROL
3 non-polymer 'PHOSPHATE ION'
4 non-polymer 1,2-ETHANEDIOL
5 water water
#
_entity_poly.entity_id   1
_entity_poly.type   'polypeptide(L)'
_entity_poly.pdbx_seq_one_letter_code
;MNSEELERESEEAERRLQEARKRSEEARERGDLKELAEALIEEARAVQELARVACERGNSEEAERASEKAQRVLEEARKV
SEEAREQGDDEVLALALIAIALAVLALAEVACCRGNSEEAERASEKAQRVLEEARKVSEEAREQGDDEVLALALIAIALA
VLALAEVACCRGNKEEAERAYEDARRVEEEARKVKESAEEQGDSEVKRLAEEAEQLAREARRHVQECRGGWLEHHHHHH
;
_entity_poly.pdbx_strand_id   A
#
loop_
_chem_comp.id
_chem_comp.type
_chem_comp.name
_chem_comp.formula
EDO non-polymer 1,2-ETHANEDIOL 'C2 H6 O2'
GOL non-polymer GLYCEROL 'C3 H8 O3'
PO4 non-polymer 'PHOSPHATE ION' 'O4 P -3'
#
# COMPACT_ATOMS: atom_id res chain seq x y z
N GLU A 4 1.16 -26.48 8.43
CA GLU A 4 -0.24 -26.66 8.81
C GLU A 4 -0.82 -25.38 9.38
N GLU A 5 0.03 -24.56 9.99
CA GLU A 5 -0.38 -23.24 10.48
C GLU A 5 -0.58 -22.31 9.29
N LEU A 6 0.24 -22.47 8.26
CA LEU A 6 0.16 -21.65 7.06
C LEU A 6 -1.07 -22.03 6.25
N GLU A 7 -1.48 -23.29 6.33
CA GLU A 7 -2.71 -23.73 5.68
C GLU A 7 -3.91 -22.98 6.23
N ARG A 8 -3.94 -22.82 7.55
CA ARG A 8 -5.00 -22.08 8.21
C ARG A 8 -5.03 -20.64 7.74
N GLU A 9 -3.86 -20.04 7.63
CA GLU A 9 -3.72 -18.66 7.20
C GLU A 9 -3.99 -18.51 5.71
N SER A 10 -3.55 -19.51 4.94
CA SER A 10 -3.73 -19.51 3.49
C SER A 10 -5.20 -19.64 3.10
N GLU A 11 -5.87 -20.60 3.73
CA GLU A 11 -7.28 -20.84 3.45
C GLU A 11 -8.13 -19.67 3.92
N GLU A 12 -7.78 -19.10 5.07
CA GLU A 12 -8.49 -17.94 5.59
C GLU A 12 -8.27 -16.73 4.67
N ALA A 13 -7.08 -16.64 4.11
CA ALA A 13 -6.75 -15.55 3.19
C ALA A 13 -7.58 -15.65 1.92
N GLU A 14 -7.68 -16.87 1.38
CA GLU A 14 -8.50 -17.11 0.19
C GLU A 14 -9.97 -16.85 0.49
N ARG A 15 -10.39 -17.22 1.70
CA ARG A 15 -11.77 -17.00 2.14
C ARG A 15 -12.07 -15.50 2.23
N ARG A 16 -11.14 -14.74 2.78
CA ARG A 16 -11.28 -13.30 2.89
C ARG A 16 -11.34 -12.66 1.50
N LEU A 17 -10.50 -13.16 0.59
CA LEU A 17 -10.45 -12.64 -0.77
C LEU A 17 -11.77 -12.86 -1.50
N GLN A 18 -12.33 -14.05 -1.36
CA GLN A 18 -13.58 -14.40 -2.03
C GLN A 18 -14.75 -13.57 -1.49
N GLU A 19 -14.78 -13.38 -0.19
CA GLU A 19 -15.83 -12.56 0.43
C GLU A 19 -15.70 -11.11 -0.01
N ALA A 20 -14.47 -10.64 -0.13
CA ALA A 20 -14.21 -9.27 -0.57
C ALA A 20 -14.60 -9.10 -2.03
N ARG A 21 -14.42 -10.16 -2.82
CA ARG A 21 -14.77 -10.15 -4.23
C ARG A 21 -16.29 -10.07 -4.41
N LYS A 22 -17.02 -10.76 -3.55
N LYS A 22 -17.01 -10.75 -3.54
CA LYS A 22 -18.48 -10.74 -3.61
CA LYS A 22 -18.47 -10.74 -3.60
C LYS A 22 -19.01 -9.39 -3.14
C LYS A 22 -19.00 -9.39 -3.14
N ARG A 23 -18.38 -8.84 -2.10
CA ARG A 23 -18.75 -7.51 -1.61
C ARG A 23 -18.41 -6.46 -2.66
N SER A 24 -17.34 -6.70 -3.40
N SER A 24 -17.33 -6.70 -3.40
CA SER A 24 -16.93 -5.82 -4.48
CA SER A 24 -16.94 -5.80 -4.48
C SER A 24 -17.97 -5.82 -5.60
C SER A 24 -18.00 -5.81 -5.59
N GLU A 25 -18.51 -6.99 -5.91
CA GLU A 25 -19.50 -7.14 -6.96
C GLU A 25 -20.85 -6.55 -6.55
N GLU A 26 -21.18 -6.68 -5.27
CA GLU A 26 -22.42 -6.12 -4.74
C GLU A 26 -22.41 -4.60 -4.80
N ALA A 27 -21.28 -4.01 -4.44
CA ALA A 27 -21.13 -2.56 -4.46
C ALA A 27 -21.03 -2.05 -5.89
N ARG A 28 -20.38 -2.84 -6.76
CA ARG A 28 -20.19 -2.46 -8.14
C ARG A 28 -21.52 -2.34 -8.88
N GLU A 29 -22.44 -3.24 -8.56
CA GLU A 29 -23.75 -3.24 -9.19
C GLU A 29 -24.61 -2.08 -8.70
N ARG A 30 -24.35 -1.66 -7.46
CA ARG A 30 -25.09 -0.55 -6.86
C ARG A 30 -24.45 0.79 -7.18
N GLY A 31 -23.30 0.76 -7.86
CA GLY A 31 -22.59 1.98 -8.21
C GLY A 31 -21.94 2.64 -7.01
N ASP A 32 -21.89 1.92 -5.89
CA ASP A 32 -21.30 2.44 -4.66
C ASP A 32 -19.77 2.30 -4.70
N LEU A 33 -19.10 3.32 -5.21
CA LEU A 33 -17.65 3.26 -5.41
C LEU A 33 -16.87 3.21 -4.10
N LYS A 34 -17.37 3.89 -3.08
CA LYS A 34 -16.69 3.90 -1.79
C LYS A 34 -16.64 2.51 -1.18
N GLU A 35 -17.76 1.80 -1.21
CA GLU A 35 -17.82 0.44 -0.70
C GLU A 35 -16.99 -0.48 -1.60
N LEU A 36 -17.00 -0.20 -2.90
CA LEU A 36 -16.21 -0.96 -3.86
C LEU A 36 -14.73 -0.78 -3.56
N ALA A 37 -14.31 0.46 -3.35
CA ALA A 37 -12.93 0.80 -3.05
C ALA A 37 -12.47 0.14 -1.75
N GLU A 38 -13.35 0.16 -0.75
CA GLU A 38 -13.03 -0.44 0.55
C GLU A 38 -12.90 -1.95 0.42
N ALA A 39 -13.73 -2.55 -0.44
CA ALA A 39 -13.67 -3.99 -0.68
C ALA A 39 -12.37 -4.36 -1.37
N LEU A 40 -11.90 -3.50 -2.27
CA LEU A 40 -10.66 -3.76 -3.01
C LEU A 40 -9.45 -3.66 -2.09
N ILE A 41 -9.53 -2.81 -1.08
CA ILE A 41 -8.50 -2.74 -0.05
C ILE A 41 -8.43 -4.07 0.69
N GLU A 42 -9.60 -4.64 0.97
CA GLU A 42 -9.68 -5.92 1.67
C GLU A 42 -9.12 -7.03 0.81
N GLU A 43 -9.42 -6.99 -0.49
CA GLU A 43 -8.85 -7.95 -1.43
C GLU A 43 -7.33 -7.87 -1.41
N ALA A 44 -6.81 -6.66 -1.48
CA ALA A 44 -5.37 -6.42 -1.48
C ALA A 44 -4.71 -6.95 -0.21
N ARG A 45 -5.40 -6.78 0.93
CA ARG A 45 -4.91 -7.31 2.21
C ARG A 45 -4.80 -8.83 2.16
N ALA A 46 -5.83 -9.46 1.60
CA ALA A 46 -5.87 -10.91 1.48
C ALA A 46 -4.78 -11.40 0.54
N VAL A 47 -4.58 -10.68 -0.55
CA VAL A 47 -3.57 -11.05 -1.53
C VAL A 47 -2.17 -10.90 -0.95
N GLN A 48 -1.96 -9.88 -0.13
CA GLN A 48 -0.68 -9.70 0.55
C GLN A 48 -0.41 -10.89 1.46
N GLU A 49 -1.45 -11.39 2.10
CA GLU A 49 -1.32 -12.53 3.00
C GLU A 49 -0.91 -13.78 2.22
N LEU A 50 -1.54 -13.98 1.06
CA LEU A 50 -1.22 -15.11 0.21
C LEU A 50 0.24 -15.06 -0.27
N ALA A 51 0.70 -13.86 -0.59
CA ALA A 51 2.07 -13.67 -1.05
C ALA A 51 3.07 -14.01 0.05
N ARG A 52 2.78 -13.59 1.27
CA ARG A 52 3.66 -13.85 2.40
C ARG A 52 3.69 -15.33 2.76
N VAL A 53 2.56 -16.00 2.59
CA VAL A 53 2.49 -17.45 2.79
C VAL A 53 3.36 -18.15 1.74
N ALA A 54 3.28 -17.68 0.51
CA ALA A 54 4.09 -18.23 -0.58
C ALA A 54 5.58 -18.03 -0.29
N CYS A 55 5.92 -16.83 0.20
CA CYS A 55 7.30 -16.52 0.56
C CYS A 55 7.85 -17.46 1.63
N GLU A 56 7.00 -17.79 2.61
CA GLU A 56 7.44 -18.64 3.72
C GLU A 56 7.56 -20.09 3.28
N ARG A 57 6.75 -20.50 2.31
CA ARG A 57 6.78 -21.86 1.80
C ARG A 57 7.84 -22.04 0.72
N GLY A 58 8.23 -20.92 0.09
CA GLY A 58 9.17 -20.98 -1.01
C GLY A 58 8.54 -21.58 -2.26
N ASN A 59 7.21 -21.47 -2.34
CA ASN A 59 6.46 -21.98 -3.48
C ASN A 59 6.28 -20.92 -4.54
N SER A 60 7.01 -21.06 -5.64
CA SER A 60 6.97 -20.07 -6.72
C SER A 60 5.63 -20.06 -7.43
N GLU A 61 4.95 -21.21 -7.45
CA GLU A 61 3.66 -21.32 -8.10
C GLU A 61 2.59 -20.57 -7.32
N GLU A 62 2.57 -20.78 -6.01
CA GLU A 62 1.66 -20.03 -5.13
C GLU A 62 1.99 -18.55 -5.18
N ALA A 63 3.27 -18.24 -5.33
CA ALA A 63 3.74 -16.86 -5.37
C ALA A 63 3.26 -16.16 -6.65
N GLU A 64 3.38 -16.85 -7.78
CA GLU A 64 2.94 -16.30 -9.05
C GLU A 64 1.44 -16.13 -9.08
N ARG A 65 0.72 -17.09 -8.48
CA ARG A 65 -0.72 -16.99 -8.32
C ARG A 65 -1.10 -15.73 -7.55
N ALA A 66 -0.37 -15.45 -6.48
CA ALA A 66 -0.61 -14.27 -5.66
C ALA A 66 -0.38 -13.00 -6.47
N SER A 67 0.66 -13.02 -7.30
CA SER A 67 1.00 -11.87 -8.13
C SER A 67 -0.10 -11.62 -9.17
N GLU A 68 -0.59 -12.70 -9.77
CA GLU A 68 -1.68 -12.62 -10.74
C GLU A 68 -2.91 -12.00 -10.08
N LYS A 69 -3.17 -12.41 -8.84
CA LYS A 69 -4.31 -11.89 -8.10
C LYS A 69 -4.09 -10.42 -7.70
N ALA A 70 -2.84 -10.08 -7.37
CA ALA A 70 -2.49 -8.71 -7.03
C ALA A 70 -2.66 -7.79 -8.24
N GLN A 71 -2.26 -8.29 -9.41
CA GLN A 71 -2.36 -7.53 -10.64
C GLN A 71 -3.82 -7.23 -10.96
N ARG A 72 -4.69 -8.18 -10.64
CA ARG A 72 -6.11 -8.05 -10.89
C ARG A 72 -6.73 -6.96 -10.01
N VAL A 73 -6.41 -6.99 -8.72
CA VAL A 73 -6.88 -5.97 -7.79
C VAL A 73 -6.38 -4.60 -8.21
N LEU A 74 -5.12 -4.55 -8.64
CA LEU A 74 -4.50 -3.33 -9.12
C LEU A 74 -5.29 -2.71 -10.28
N GLU A 75 -5.58 -3.52 -11.28
CA GLU A 75 -6.29 -3.06 -12.47
C GLU A 75 -7.70 -2.61 -12.14
N GLU A 76 -8.37 -3.33 -11.24
CA GLU A 76 -9.71 -2.95 -10.81
C GLU A 76 -9.68 -1.63 -10.04
N ALA A 77 -8.69 -1.48 -9.17
CA ALA A 77 -8.57 -0.27 -8.36
C ALA A 77 -8.20 0.93 -9.25
N ARG A 78 -7.45 0.67 -10.33
CA ARG A 78 -7.14 1.71 -11.31
C ARG A 78 -8.41 2.24 -11.95
N LYS A 79 -9.34 1.35 -12.24
CA LYS A 79 -10.61 1.74 -12.86
C LYS A 79 -11.43 2.58 -11.90
N VAL A 80 -11.46 2.18 -10.63
CA VAL A 80 -12.22 2.91 -9.62
C VAL A 80 -11.65 4.31 -9.43
N SER A 81 -10.33 4.44 -9.48
CA SER A 81 -9.69 5.73 -9.32
C SER A 81 -10.07 6.64 -10.49
N GLU A 82 -10.15 6.06 -11.68
CA GLU A 82 -10.58 6.79 -12.86
C GLU A 82 -12.00 7.31 -12.68
N GLU A 83 -12.89 6.42 -12.24
CA GLU A 83 -14.28 6.76 -11.99
C GLU A 83 -14.41 7.75 -10.84
N ALA A 84 -13.52 7.63 -9.87
CA ALA A 84 -13.54 8.54 -8.70
C ALA A 84 -13.17 9.95 -9.11
N ARG A 85 -12.21 10.08 -10.02
CA ARG A 85 -11.79 11.40 -10.49
C ARG A 85 -12.88 12.03 -11.35
N GLU A 86 -13.58 11.21 -12.14
CA GLU A 86 -14.66 11.71 -12.98
C GLU A 86 -15.80 12.28 -12.13
N GLN A 87 -15.94 11.76 -10.93
CA GLN A 87 -16.99 12.21 -10.02
C GLN A 87 -16.45 13.22 -9.00
N GLY A 88 -15.18 13.57 -9.12
CA GLY A 88 -14.54 14.50 -8.21
C GLY A 88 -14.61 14.02 -6.76
N ASP A 89 -14.58 12.71 -6.58
CA ASP A 89 -14.70 12.10 -5.25
C ASP A 89 -13.32 11.75 -4.70
N ASP A 90 -12.71 12.70 -3.99
CA ASP A 90 -11.34 12.57 -3.51
C ASP A 90 -11.19 11.46 -2.46
N GLU A 91 -12.24 11.22 -1.67
CA GLU A 91 -12.18 10.19 -0.64
C GLU A 91 -12.09 8.80 -1.26
N VAL A 92 -12.95 8.53 -2.23
CA VAL A 92 -12.94 7.27 -2.95
C VAL A 92 -11.61 7.12 -3.71
N LEU A 93 -11.13 8.22 -4.28
CA LEU A 93 -9.86 8.19 -5.00
C LEU A 93 -8.75 7.74 -4.06
N ALA A 94 -8.69 8.34 -2.87
CA ALA A 94 -7.65 8.02 -1.89
C ALA A 94 -7.74 6.55 -1.49
N LEU A 95 -8.96 6.06 -1.28
CA LEU A 95 -9.17 4.66 -0.93
C LEU A 95 -8.70 3.74 -2.05
N ALA A 96 -8.98 4.12 -3.28
CA ALA A 96 -8.55 3.33 -4.44
C ALA A 96 -7.03 3.28 -4.51
N LEU A 97 -6.38 4.39 -4.20
CA LEU A 97 -4.92 4.46 -4.23
C LEU A 97 -4.31 3.59 -3.15
N ILE A 98 -4.98 3.47 -2.01
CA ILE A 98 -4.53 2.57 -0.95
C ILE A 98 -4.58 1.13 -1.46
N ALA A 99 -5.66 0.77 -2.15
CA ALA A 99 -5.79 -0.57 -2.70
C ALA A 99 -4.70 -0.84 -3.73
N ILE A 100 -4.44 0.17 -4.57
CA ILE A 100 -3.39 0.09 -5.59
C ILE A 100 -2.03 -0.12 -4.93
N ALA A 101 -1.71 0.72 -3.95
CA ALA A 101 -0.41 0.69 -3.30
C ALA A 101 -0.18 -0.65 -2.58
N LEU A 102 -1.22 -1.17 -1.94
CA LEU A 102 -1.12 -2.43 -1.23
C LEU A 102 -0.93 -3.58 -2.21
N ALA A 103 -1.57 -3.49 -3.36
CA ALA A 103 -1.42 -4.50 -4.41
C ALA A 103 0.00 -4.48 -4.97
N VAL A 104 0.54 -3.28 -5.14
CA VAL A 104 1.92 -3.10 -5.62
C VAL A 104 2.91 -3.69 -4.62
N LEU A 105 2.62 -3.50 -3.33
CA LEU A 105 3.49 -4.03 -2.28
C LEU A 105 3.50 -5.55 -2.37
N ALA A 106 2.34 -6.14 -2.62
CA ALA A 106 2.24 -7.57 -2.80
C ALA A 106 3.05 -8.03 -4.00
N LEU A 107 2.99 -7.26 -5.09
CA LEU A 107 3.76 -7.58 -6.29
C LEU A 107 5.26 -7.52 -6.00
N ALA A 108 5.66 -6.56 -5.18
CA ALA A 108 7.07 -6.41 -4.81
C ALA A 108 7.55 -7.61 -3.99
N GLU A 109 6.74 -8.00 -3.00
CA GLU A 109 7.05 -9.14 -2.15
C GLU A 109 7.23 -10.42 -2.97
N VAL A 110 6.34 -10.65 -3.92
CA VAL A 110 6.44 -11.84 -4.77
C VAL A 110 7.70 -11.76 -5.63
N ALA A 111 7.96 -10.59 -6.20
CA ALA A 111 9.11 -10.39 -7.07
C ALA A 111 10.40 -10.72 -6.33
N CYS A 112 10.52 -10.19 -5.11
CA CYS A 112 11.71 -10.44 -4.30
C CYS A 112 11.84 -11.90 -3.91
N CYS A 113 10.74 -12.49 -3.44
CA CYS A 113 10.75 -13.88 -2.98
C CYS A 113 11.06 -14.84 -4.13
N ARG A 114 10.54 -14.53 -5.32
CA ARG A 114 10.81 -15.35 -6.50
C ARG A 114 12.19 -15.03 -7.08
N GLY A 115 12.79 -13.94 -6.63
CA GLY A 115 14.13 -13.57 -7.05
C GLY A 115 14.19 -13.00 -8.46
N ASN A 116 13.04 -12.56 -8.98
CA ASN A 116 12.98 -11.98 -10.31
C ASN A 116 13.20 -10.47 -10.27
N SER A 117 14.42 -10.06 -10.62
CA SER A 117 14.83 -8.66 -10.49
C SER A 117 14.09 -7.76 -11.48
N GLU A 118 13.77 -8.29 -12.65
CA GLU A 118 13.03 -7.54 -13.65
C GLU A 118 11.59 -7.33 -13.19
N GLU A 119 11.01 -8.38 -12.62
CA GLU A 119 9.66 -8.32 -12.07
C GLU A 119 9.62 -7.37 -10.87
N ALA A 120 10.74 -7.27 -10.17
CA ALA A 120 10.85 -6.41 -9.00
C ALA A 120 10.94 -4.95 -9.41
N GLU A 121 11.63 -4.69 -10.52
CA GLU A 121 11.79 -3.33 -11.00
C GLU A 121 10.48 -2.76 -11.52
N ARG A 122 9.68 -3.61 -12.16
CA ARG A 122 8.35 -3.21 -12.62
C ARG A 122 7.48 -2.81 -11.45
N ALA A 123 7.58 -3.55 -10.35
CA ALA A 123 6.83 -3.23 -9.14
C ALA A 123 7.29 -1.90 -8.57
N SER A 124 8.58 -1.62 -8.67
CA SER A 124 9.15 -0.37 -8.17
C SER A 124 8.65 0.81 -8.99
N GLU A 125 8.51 0.59 -10.30
CA GLU A 125 7.97 1.62 -11.19
C GLU A 125 6.50 1.90 -10.87
N LYS A 126 5.74 0.85 -10.59
CA LYS A 126 4.34 1.00 -10.20
C LYS A 126 4.23 1.71 -8.85
N ALA A 127 5.15 1.39 -7.94
CA ALA A 127 5.19 2.02 -6.63
C ALA A 127 5.51 3.51 -6.75
N GLN A 128 6.43 3.83 -7.65
CA GLN A 128 6.79 5.23 -7.89
C GLN A 128 5.61 5.98 -8.47
N ARG A 129 4.87 5.33 -9.36
CA ARG A 129 3.70 5.94 -9.99
C ARG A 129 2.63 6.30 -8.96
N VAL A 130 2.20 5.31 -8.18
CA VAL A 130 1.13 5.52 -7.22
C VAL A 130 1.58 6.51 -6.13
N LEU A 131 2.87 6.50 -5.83
CA LEU A 131 3.45 7.47 -4.90
C LEU A 131 3.20 8.89 -5.38
N GLU A 132 3.48 9.13 -6.67
CA GLU A 132 3.30 10.45 -7.25
C GLU A 132 1.83 10.84 -7.26
N GLU A 133 0.96 9.89 -7.59
CA GLU A 133 -0.48 10.15 -7.61
C GLU A 133 -0.98 10.47 -6.21
N ALA A 134 -0.53 9.71 -5.22
CA ALA A 134 -0.97 9.91 -3.84
C ALA A 134 -0.45 11.23 -3.29
N ARG A 135 0.74 11.63 -3.72
CA ARG A 135 1.32 12.90 -3.32
C ARG A 135 0.44 14.07 -3.76
N LYS A 136 -0.09 13.99 -4.97
CA LYS A 136 -0.96 15.04 -5.49
C LYS A 136 -2.25 15.13 -4.66
N VAL A 137 -2.81 13.97 -4.32
CA VAL A 137 -4.05 13.93 -3.54
C VAL A 137 -3.82 14.50 -2.15
N SER A 138 -2.67 14.20 -1.57
N SER A 138 -2.67 14.21 -1.57
CA SER A 138 -2.32 14.71 -0.25
CA SER A 138 -2.36 14.72 -0.23
C SER A 138 -2.20 16.22 -0.25
C SER A 138 -2.18 16.23 -0.24
N GLU A 139 -1.59 16.75 -1.30
CA GLU A 139 -1.42 18.19 -1.45
C GLU A 139 -2.78 18.87 -1.60
N GLU A 140 -3.63 18.29 -2.44
CA GLU A 140 -4.97 18.84 -2.69
C GLU A 140 -5.83 18.80 -1.42
N ALA A 141 -5.76 17.69 -0.69
CA ALA A 141 -6.54 17.54 0.53
C ALA A 141 -6.07 18.53 1.59
N ARG A 142 -4.76 18.71 1.66
CA ARG A 142 -4.16 19.62 2.64
C ARG A 142 -4.54 21.07 2.38
N GLU A 143 -4.67 21.44 1.11
CA GLU A 143 -5.05 22.79 0.72
C GLU A 143 -6.55 23.00 0.88
N GLN A 144 -7.32 21.92 0.79
CA GLN A 144 -8.77 22.00 0.93
C GLN A 144 -9.23 21.78 2.38
N GLY A 145 -8.28 21.43 3.25
CA GLY A 145 -8.59 21.22 4.65
C GLY A 145 -9.34 19.92 4.92
N ASP A 146 -9.22 18.96 4.00
CA ASP A 146 -9.85 17.66 4.16
C ASP A 146 -8.89 16.70 4.88
N ASP A 147 -8.99 16.68 6.21
CA ASP A 147 -8.02 15.94 7.03
C ASP A 147 -8.12 14.43 6.82
N GLU A 148 -9.34 13.93 6.60
CA GLU A 148 -9.55 12.50 6.40
C GLU A 148 -8.89 12.05 5.10
N VAL A 149 -9.18 12.75 4.01
CA VAL A 149 -8.61 12.43 2.71
C VAL A 149 -7.09 12.52 2.77
N LEU A 150 -6.60 13.54 3.46
CA LEU A 150 -5.17 13.72 3.62
C LEU A 150 -4.54 12.48 4.26
N ALA A 151 -5.15 12.03 5.35
CA ALA A 151 -4.64 10.88 6.09
C ALA A 151 -4.67 9.62 5.22
N LEU A 152 -5.71 9.48 4.40
CA LEU A 152 -5.83 8.33 3.52
C LEU A 152 -4.74 8.35 2.46
N ALA A 153 -4.50 9.53 1.89
CA ALA A 153 -3.45 9.70 0.91
C ALA A 153 -2.09 9.37 1.51
N LEU A 154 -1.88 9.71 2.78
CA LEU A 154 -0.60 9.45 3.43
C LEU A 154 -0.37 7.94 3.61
N ILE A 155 -1.45 7.21 3.85
CA ILE A 155 -1.38 5.75 3.95
C ILE A 155 -0.95 5.17 2.60
N ALA A 156 -1.57 5.67 1.53
CA ALA A 156 -1.23 5.20 0.18
C ALA A 156 0.25 5.50 -0.11
N ILE A 157 0.70 6.68 0.32
CA ILE A 157 2.09 7.07 0.14
C ILE A 157 3.03 6.13 0.90
N ALA A 158 2.70 5.88 2.17
CA ALA A 158 3.54 5.03 3.01
C ALA A 158 3.64 3.61 2.46
N LEU A 159 2.52 3.08 1.97
CA LEU A 159 2.52 1.75 1.35
C LEU A 159 3.43 1.73 0.12
N ALA A 160 3.36 2.80 -0.66
CA ALA A 160 4.18 2.91 -1.86
C ALA A 160 5.67 2.95 -1.50
N VAL A 161 6.00 3.70 -0.46
CA VAL A 161 7.38 3.80 -0.01
C VAL A 161 7.84 2.47 0.57
N LEU A 162 6.91 1.73 1.17
CA LEU A 162 7.19 0.40 1.66
C LEU A 162 7.57 -0.52 0.50
N ALA A 163 6.83 -0.39 -0.60
CA ALA A 163 7.09 -1.19 -1.79
C ALA A 163 8.45 -0.85 -2.38
N LEU A 164 8.78 0.43 -2.40
CA LEU A 164 10.08 0.87 -2.90
C LEU A 164 11.20 0.31 -2.04
N ALA A 165 11.01 0.37 -0.72
CA ALA A 165 11.98 -0.17 0.22
C ALA A 165 12.16 -1.67 -0.01
N GLU A 166 11.06 -2.35 -0.27
CA GLU A 166 11.06 -3.80 -0.50
C GLU A 166 11.95 -4.16 -1.68
N VAL A 167 11.72 -3.51 -2.82
CA VAL A 167 12.47 -3.79 -4.03
C VAL A 167 13.93 -3.37 -3.87
N ALA A 168 14.16 -2.18 -3.34
CA ALA A 168 15.50 -1.63 -3.19
C ALA A 168 16.38 -2.58 -2.37
N CYS A 169 15.78 -3.23 -1.40
CA CYS A 169 16.50 -4.14 -0.52
C CYS A 169 16.84 -5.46 -1.21
N CYS A 170 15.87 -6.07 -1.89
CA CYS A 170 16.09 -7.38 -2.48
C CYS A 170 16.88 -7.29 -3.79
N ARG A 171 16.89 -6.10 -4.40
CA ARG A 171 17.70 -5.85 -5.58
C ARG A 171 19.11 -5.39 -5.21
N GLY A 172 19.29 -4.98 -3.96
CA GLY A 172 20.58 -4.52 -3.48
C GLY A 172 20.95 -3.15 -4.03
N ASN A 173 19.94 -2.41 -4.50
CA ASN A 173 20.16 -1.08 -5.07
C ASN A 173 20.21 -0.01 -3.98
N LYS A 174 21.39 0.57 -3.77
CA LYS A 174 21.58 1.54 -2.70
C LYS A 174 20.95 2.89 -3.02
N GLU A 175 20.90 3.22 -4.31
N GLU A 175 20.90 3.22 -4.31
CA GLU A 175 20.32 4.50 -4.73
CA GLU A 175 20.33 4.49 -4.74
C GLU A 175 18.83 4.54 -4.45
C GLU A 175 18.83 4.53 -4.44
N GLU A 176 18.15 3.43 -4.72
CA GLU A 176 16.72 3.32 -4.46
C GLU A 176 16.46 3.29 -2.96
N ALA A 177 17.35 2.63 -2.22
CA ALA A 177 17.22 2.50 -0.78
C ALA A 177 17.31 3.86 -0.10
N GLU A 178 18.20 4.72 -0.59
CA GLU A 178 18.35 6.06 -0.06
C GLU A 178 17.09 6.88 -0.31
N ARG A 179 16.56 6.78 -1.52
CA ARG A 179 15.33 7.48 -1.88
C ARG A 179 14.16 7.04 -1.01
N ALA A 180 14.03 5.72 -0.83
CA ALA A 180 12.98 5.16 0.00
C ALA A 180 13.12 5.65 1.44
N TYR A 181 14.35 5.64 1.94
CA TYR A 181 14.63 6.10 3.30
C TYR A 181 14.20 7.54 3.52
N GLU A 182 14.56 8.42 2.59
CA GLU A 182 14.22 9.83 2.69
C GLU A 182 12.71 10.03 2.54
N ASP A 183 12.10 9.29 1.61
CA ASP A 183 10.65 9.32 1.45
C ASP A 183 9.95 8.94 2.74
N ALA A 184 10.44 7.88 3.39
CA ALA A 184 9.82 7.34 4.59
C ALA A 184 9.89 8.33 5.75
N ARG A 185 11.02 9.02 5.88
CA ARG A 185 11.18 10.02 6.93
C ARG A 185 10.20 11.16 6.73
N ARG A 186 10.03 11.59 5.49
CA ARG A 186 9.16 12.72 5.19
C ARG A 186 7.70 12.37 5.50
N VAL A 187 7.25 11.23 5.01
CA VAL A 187 5.85 10.85 5.20
C VAL A 187 5.58 10.53 6.66
N GLU A 188 6.58 10.01 7.37
CA GLU A 188 6.45 9.73 8.79
C GLU A 188 6.18 11.03 9.55
N GLU A 189 6.95 12.06 9.26
CA GLU A 189 6.79 13.35 9.93
C GLU A 189 5.44 13.98 9.60
N GLU A 190 5.03 13.88 8.34
CA GLU A 190 3.73 14.40 7.91
C GLU A 190 2.60 13.68 8.65
N ALA A 191 2.70 12.37 8.73
CA ALA A 191 1.67 11.56 9.38
C ALA A 191 1.58 11.88 10.86
N ARG A 192 2.73 12.08 11.50
N ARG A 192 2.73 12.08 11.50
CA ARG A 192 2.78 12.39 12.93
CA ARG A 192 2.77 12.39 12.92
C ARG A 192 2.09 13.73 13.21
C ARG A 192 2.09 13.72 13.20
N LYS A 193 2.35 14.72 12.37
CA LYS A 193 1.75 16.04 12.55
C LYS A 193 0.24 15.98 12.35
N VAL A 194 -0.20 15.25 11.33
CA VAL A 194 -1.63 15.06 11.09
C VAL A 194 -2.27 14.37 12.29
N LYS A 195 -1.57 13.38 12.84
CA LYS A 195 -2.05 12.65 14.01
C LYS A 195 -2.21 13.57 15.22
N GLU A 196 -1.22 14.43 15.45
CA GLU A 196 -1.23 15.33 16.60
C GLU A 196 -2.30 16.42 16.46
N SER A 197 -2.50 16.89 15.24
N SER A 197 -2.51 16.88 15.24
CA SER A 197 -3.55 17.88 14.97
CA SER A 197 -3.54 17.87 14.96
C SER A 197 -4.93 17.27 15.18
C SER A 197 -4.92 17.27 15.19
N ALA A 198 -5.09 16.01 14.79
CA ALA A 198 -6.35 15.30 14.96
C ALA A 198 -6.63 15.07 16.45
N GLU A 199 -5.60 14.65 17.17
CA GLU A 199 -5.70 14.47 18.63
C GLU A 199 -6.11 15.78 19.28
N GLU A 200 -5.58 16.88 18.77
CA GLU A 200 -5.87 18.20 19.32
C GLU A 200 -7.34 18.57 19.15
N GLN A 201 -7.94 18.10 18.05
CA GLN A 201 -9.33 18.43 17.73
C GLN A 201 -10.30 17.34 18.16
N GLY A 202 -9.76 16.23 18.66
CA GLY A 202 -10.58 15.11 19.07
C GLY A 202 -11.13 14.32 17.89
N ASP A 203 -10.44 14.40 16.75
CA ASP A 203 -10.85 13.69 15.56
C ASP A 203 -10.22 12.30 15.55
N SER A 204 -10.83 11.39 16.30
CA SER A 204 -10.26 10.07 16.54
C SER A 204 -10.08 9.25 15.26
N GLU A 205 -10.97 9.43 14.29
CA GLU A 205 -10.87 8.66 13.05
C GLU A 205 -9.62 9.06 12.28
N VAL A 206 -9.39 10.36 12.11
CA VAL A 206 -8.22 10.85 11.40
C VAL A 206 -6.94 10.43 12.12
N LYS A 207 -6.99 10.46 13.45
CA LYS A 207 -5.88 10.03 14.28
C LYS A 207 -5.48 8.59 13.95
N ARG A 208 -6.47 7.71 13.89
CA ARG A 208 -6.23 6.31 13.61
C ARG A 208 -5.61 6.12 12.22
N LEU A 209 -6.12 6.87 11.24
CA LEU A 209 -5.63 6.78 9.87
C LEU A 209 -4.20 7.31 9.76
N ALA A 210 -3.92 8.40 10.46
CA ALA A 210 -2.60 8.99 10.47
C ALA A 210 -1.58 8.04 11.11
N GLU A 211 -2.05 7.28 12.10
CA GLU A 211 -1.18 6.32 12.79
C GLU A 211 -0.79 5.16 11.90
N GLU A 212 -1.71 4.74 11.03
CA GLU A 212 -1.39 3.72 10.03
C GLU A 212 -0.21 4.19 9.17
N ALA A 213 -0.37 5.38 8.58
CA ALA A 213 0.65 5.95 7.71
C ALA A 213 1.99 6.09 8.45
N GLU A 214 1.94 6.54 9.69
CA GLU A 214 3.15 6.76 10.47
C GLU A 214 3.91 5.46 10.69
N GLN A 215 3.20 4.42 11.11
CA GLN A 215 3.83 3.14 11.43
C GLN A 215 4.27 2.39 10.17
N LEU A 216 3.53 2.57 9.09
CA LEU A 216 3.94 2.02 7.80
C LEU A 216 5.25 2.67 7.36
N ALA A 217 5.35 3.97 7.56
CA ALA A 217 6.54 4.73 7.20
C ALA A 217 7.74 4.29 8.06
N ARG A 218 7.50 4.04 9.34
N ARG A 218 7.49 4.03 9.33
CA ARG A 218 8.55 3.60 10.25
CA ARG A 218 8.55 3.60 10.23
C ARG A 218 9.07 2.22 9.84
C ARG A 218 9.08 2.22 9.86
N GLU A 219 8.19 1.34 9.40
CA GLU A 219 8.59 0.01 8.96
C GLU A 219 9.45 0.12 7.70
N ALA A 220 9.06 1.02 6.81
CA ALA A 220 9.81 1.23 5.58
C ALA A 220 11.23 1.68 5.88
N ARG A 221 11.36 2.59 6.84
CA ARG A 221 12.67 3.09 7.25
C ARG A 221 13.50 1.98 7.88
N ARG A 222 12.89 1.23 8.79
CA ARG A 222 13.58 0.11 9.44
C ARG A 222 14.04 -0.91 8.42
N HIS A 223 13.20 -1.18 7.42
CA HIS A 223 13.52 -2.18 6.40
C HIS A 223 14.77 -1.79 5.63
N VAL A 224 14.83 -0.53 5.20
CA VAL A 224 15.99 -0.02 4.48
C VAL A 224 17.24 -0.04 5.35
N GLN A 225 17.11 0.43 6.59
CA GLN A 225 18.25 0.58 7.48
C GLN A 225 18.82 -0.76 7.94
N GLU A 226 17.97 -1.78 8.00
CA GLU A 226 18.36 -3.08 8.54
C GLU A 226 18.55 -4.12 7.44
N CYS A 227 18.26 -3.74 6.21
CA CYS A 227 18.34 -4.64 5.06
C CYS A 227 19.75 -5.23 4.88
N ARG A 228 19.81 -6.56 4.81
CA ARG A 228 21.05 -7.28 4.55
C ARG A 228 22.15 -6.93 5.54
N GLY A 229 21.85 -7.00 6.83
CA GLY A 229 22.82 -6.69 7.87
C GLY A 229 23.21 -5.23 7.88
N GLY A 230 22.31 -4.38 7.41
CA GLY A 230 22.54 -2.95 7.39
C GLY A 230 23.46 -2.50 6.27
N TRP A 231 23.45 -3.27 5.18
CA TRP A 231 24.33 -2.99 4.04
C TRP A 231 23.91 -1.70 3.34
N LEU A 232 22.61 -1.51 3.16
CA LEU A 232 22.09 -0.34 2.45
C LEU A 232 21.62 0.75 3.42
N GLU A 233 22.20 0.78 4.61
CA GLU A 233 21.76 1.71 5.64
C GLU A 233 22.25 3.13 5.36
N HIS A 234 21.41 4.12 5.68
CA HIS A 234 21.78 5.53 5.55
C HIS A 234 22.65 5.96 6.72
N HIS A 235 23.91 6.28 6.43
CA HIS A 235 24.85 6.70 7.45
C HIS A 235 24.67 8.18 7.78
N HIS A 236 24.46 8.48 9.06
CA HIS A 236 24.28 9.86 9.50
C HIS A 236 25.62 10.59 9.65
C1 GOL B . -2.73 -0.64 6.11
O1 GOL B . -1.95 -1.62 6.75
C2 GOL B . -3.54 -1.27 4.97
O2 GOL B . -4.16 -2.45 5.43
C3 GOL B . -4.60 -0.29 4.48
O3 GOL B . -5.54 -0.05 5.49
H11 GOL B . -2.09 0.15 5.72
H12 GOL B . -3.42 -0.19 6.84
HO1 GOL B . -1.39 -1.19 7.43
H2 GOL B . -2.86 -1.50 4.15
HO2 GOL B . -4.79 -2.22 6.15
H31 GOL B . -5.09 -0.69 3.60
H32 GOL B . -4.12 0.65 4.19
HO3 GOL B . -5.25 0.69 6.05
P PO4 C . -4.07 6.42 20.66
O1 PO4 C . -2.62 6.77 20.89
O2 PO4 C . -4.94 7.59 21.01
O3 PO4 C . -4.45 5.23 21.52
O4 PO4 C . -4.27 6.06 19.20
P PO4 D . -8.72 4.95 19.78
O1 PO4 D . -8.22 3.95 20.80
O2 PO4 D . -10.10 5.40 20.17
O3 PO4 D . -7.80 6.15 19.74
O4 PO4 D . -8.77 4.30 18.42
P PO4 E . 3.04 -27.39 11.78
O1 PO4 E . 4.30 -26.67 12.20
O2 PO4 E . 1.84 -26.71 12.39
O3 PO4 E . 3.10 -28.82 12.26
O4 PO4 E . 2.93 -27.37 10.28
P PO4 F . 17.22 5.97 11.67
O1 PO4 F . 16.77 5.95 13.11
O2 PO4 F . 18.65 5.49 11.60
O3 PO4 F . 17.13 7.37 11.12
O4 PO4 F . 16.35 5.05 10.86
C1 EDO G . -9.07 24.85 18.87
O1 EDO G . -9.39 24.59 17.50
C2 EDO G . -7.57 24.99 19.03
O2 EDO G . -7.11 26.12 18.29
H11 EDO G . -9.44 24.04 19.49
H12 EDO G . -9.56 25.78 19.19
HO1 EDO G . -10.35 24.51 17.40
H21 EDO G . -7.08 24.08 18.67
H22 EDO G . -7.32 25.10 20.09
HO2 EDO G . -6.15 26.20 18.40
#